data_6AFD
#
_entry.id   6AFD
#
_cell.length_a   75.390
_cell.length_b   75.390
_cell.length_c   75.290
_cell.angle_alpha   90.00
_cell.angle_beta   90.00
_cell.angle_gamma   120.00
#
_symmetry.space_group_name_H-M   'P 31 2 1'
#
loop_
_entity.id
_entity.type
_entity.pdbx_description
1 polymer 'Protein/nucleic acid deglycase DJ-1'
2 non-polymer 7-methyl-1~{H}-indole-2,3-dione
3 non-polymer 'CHLORIDE ION'
4 water water
#
_entity_poly.entity_id   1
_entity_poly.type   'polypeptide(L)'
_entity_poly.pdbx_seq_one_letter_code
;MASKRALVILAKGAEEMETVIPVDVMRRAGIKVTVAGLAGKDPVQCSRDVVICPDASLEDAKKEGPYDVVVLPGGNLGAQ
NLSESAAVKEILKEQENRKGLIAAICAGPTALLAHEIGFGSKVTTHPLAKDKMMNGGHYTYSENRVEKDGLILTSRGPGT
SFEFALAIVEALNGKEVAAQVKAPLVLKD
;
_entity_poly.pdbx_strand_id   A
#
loop_
_chem_comp.id
_chem_comp.type
_chem_comp.name
_chem_comp.formula
72S non-polymer 7-methyl-1~{H}-indole-2,3-dione 'C9 H7 N O2'
CL non-polymer 'CHLORIDE ION' 'Cl -1'
#
# COMPACT_ATOMS: atom_id res chain seq x y z
N ALA A 2 -9.04 -20.70 -2.61
CA ALA A 2 -7.64 -20.33 -2.21
C ALA A 2 -7.60 -18.88 -1.70
N SER A 3 -6.92 -18.67 -0.60
CA SER A 3 -6.91 -17.35 -0.02
C SER A 3 -6.10 -16.42 -0.89
N LYS A 4 -6.55 -15.18 -0.92
CA LYS A 4 -5.76 -14.11 -1.55
C LYS A 4 -4.59 -13.77 -0.62
N ARG A 5 -3.54 -13.17 -1.19
CA ARG A 5 -2.26 -12.92 -0.57
C ARG A 5 -1.88 -11.47 -0.80
N ALA A 6 -1.47 -10.80 0.28
CA ALA A 6 -1.01 -9.42 0.23
C ALA A 6 0.44 -9.29 0.73
N LEU A 7 1.21 -8.47 0.03
CA LEU A 7 2.56 -8.08 0.43
C LEU A 7 2.52 -6.63 0.89
N VAL A 8 2.88 -6.39 2.15
CA VAL A 8 2.95 -5.01 2.69
C VAL A 8 4.42 -4.71 2.95
N ILE A 9 4.97 -3.73 2.24
CA ILE A 9 6.39 -3.43 2.30
C ILE A 9 6.62 -2.39 3.38
N LEU A 10 7.41 -2.75 4.36
CA LEU A 10 7.61 -1.97 5.57
C LEU A 10 9.06 -1.46 5.64
N ALA A 11 9.17 -0.15 5.48
CA ALA A 11 10.43 0.58 5.54
C ALA A 11 10.54 1.49 6.77
N LYS A 12 11.78 1.73 7.18
CA LYS A 12 12.02 2.75 8.22
C LYS A 12 11.28 4.02 7.86
N GLY A 13 10.60 4.59 8.87
CA GLY A 13 9.85 5.82 8.66
C GLY A 13 8.44 5.65 8.10
N ALA A 14 8.01 4.40 7.95
CA ALA A 14 6.62 4.12 7.52
C ALA A 14 5.66 4.68 8.55
N GLU A 15 4.50 5.15 8.09
CA GLU A 15 3.47 5.56 9.02
C GLU A 15 2.85 4.29 9.61
N GLU A 16 2.99 4.14 10.91
CA GLU A 16 2.57 2.88 11.55
C GLU A 16 1.07 2.66 11.51
N MET A 17 0.26 3.73 11.57
CA MET A 17 -1.18 3.55 11.41
C MET A 17 -1.55 3.02 10.02
N GLU A 18 -0.90 3.61 8.99
CA GLU A 18 -1.12 3.22 7.60
C GLU A 18 -0.59 1.84 7.27
N THR A 19 0.30 1.34 8.11
CA THR A 19 0.78 -0.03 8.02
C THR A 19 -0.16 -1.03 8.72
N VAL A 20 -0.44 -0.76 10.00
CA VAL A 20 -1.19 -1.68 10.83
C VAL A 20 -2.67 -1.76 10.45
N ILE A 21 -3.32 -0.64 10.12
CA ILE A 21 -4.72 -0.72 9.79
C ILE A 21 -4.96 -1.67 8.57
N PRO A 22 -4.23 -1.49 7.48
CA PRO A 22 -4.46 -2.42 6.35
C PRO A 22 -4.08 -3.87 6.66
N VAL A 23 -2.99 -4.07 7.40
CA VAL A 23 -2.60 -5.43 7.78
C VAL A 23 -3.72 -6.11 8.54
N ASP A 24 -4.19 -5.44 9.58
CA ASP A 24 -5.19 -5.99 10.46
C ASP A 24 -6.51 -6.23 9.70
N VAL A 25 -7.02 -5.22 9.00
CA VAL A 25 -8.28 -5.34 8.29
C VAL A 25 -8.17 -6.44 7.21
N MET A 26 -7.05 -6.51 6.50
CA MET A 26 -6.92 -7.57 5.50
C MET A 26 -6.94 -8.97 6.16
N ARG A 27 -6.27 -9.09 7.29
CA ARG A 27 -6.31 -10.37 8.02
C ARG A 27 -7.70 -10.72 8.52
N ARG A 28 -8.47 -9.72 8.95
CA ARG A 28 -9.87 -9.93 9.32
C ARG A 28 -10.69 -10.48 8.15
N ALA A 29 -10.29 -10.07 6.93
CA ALA A 29 -10.91 -10.54 5.69
C ALA A 29 -10.43 -11.90 5.23
N GLY A 30 -9.54 -12.52 5.98
CA GLY A 30 -9.02 -13.82 5.61
C GLY A 30 -7.92 -13.82 4.56
N ILE A 31 -7.39 -12.64 4.26
CA ILE A 31 -6.27 -12.49 3.37
C ILE A 31 -5.02 -12.89 4.10
N LYS A 32 -4.14 -13.61 3.41
CA LYS A 32 -2.82 -13.96 3.96
CA LYS A 32 -2.82 -13.97 3.95
C LYS A 32 -1.84 -12.83 3.68
N VAL A 33 -1.48 -12.12 4.75
CA VAL A 33 -0.67 -10.92 4.66
C VAL A 33 0.76 -11.20 5.10
N THR A 34 1.73 -10.79 4.26
CA THR A 34 3.13 -10.81 4.62
C THR A 34 3.64 -9.38 4.82
N VAL A 35 4.01 -9.06 6.06
CA VAL A 35 4.65 -7.78 6.37
C VAL A 35 6.15 -7.99 6.13
N ALA A 36 6.65 -7.40 5.05
CA ALA A 36 8.00 -7.63 4.59
C ALA A 36 8.89 -6.42 4.84
N GLY A 37 10.01 -6.64 5.55
CA GLY A 37 10.90 -5.58 5.89
C GLY A 37 11.81 -5.24 4.73
N LEU A 38 11.75 -3.98 4.28
CA LEU A 38 12.57 -3.53 3.19
C LEU A 38 14.04 -3.84 3.48
N ALA A 39 14.51 -3.51 4.70
CA ALA A 39 15.93 -3.55 5.01
C ALA A 39 16.44 -4.93 5.36
N GLY A 40 15.55 -5.87 5.55
CA GLY A 40 15.91 -7.16 6.13
C GLY A 40 14.87 -7.66 7.14
N LYS A 41 15.26 -8.60 7.97
CA LYS A 41 14.31 -9.28 8.83
C LYS A 41 14.12 -8.52 10.17
N ASP A 42 14.93 -7.49 10.43
CA ASP A 42 14.96 -6.90 11.75
C ASP A 42 13.80 -5.92 11.98
N PRO A 43 13.55 -5.61 13.24
CA PRO A 43 12.41 -4.73 13.54
C PRO A 43 12.60 -3.35 12.87
N VAL A 44 11.46 -2.72 12.57
CA VAL A 44 11.38 -1.49 11.82
C VAL A 44 10.86 -0.39 12.72
N GLN A 45 11.62 0.71 12.79
CA GLN A 45 11.24 1.90 13.52
C GLN A 45 10.38 2.79 12.63
N CYS A 46 9.09 2.81 12.93
CA CYS A 46 8.13 3.59 12.15
C CYS A 46 8.23 5.08 12.50
N SER A 47 7.46 5.90 11.77
CA SER A 47 7.56 7.34 11.85
C SER A 47 7.38 7.93 13.22
N ARG A 48 6.46 7.35 14.02
CA ARG A 48 6.17 7.81 15.38
C ARG A 48 6.73 6.81 16.38
N ASP A 49 7.84 6.16 16.00
CA ASP A 49 8.66 5.35 16.87
C ASP A 49 8.01 4.05 17.36
N VAL A 50 6.85 3.68 16.83
CA VAL A 50 6.38 2.31 17.03
C VAL A 50 7.31 1.36 16.26
N VAL A 51 7.77 0.31 16.94
CA VAL A 51 8.68 -0.64 16.37
C VAL A 51 7.92 -1.93 16.06
N ILE A 52 7.93 -2.31 14.79
CA ILE A 52 7.18 -3.47 14.32
C ILE A 52 8.15 -4.51 13.78
N CYS A 53 8.00 -5.76 14.21
CA CYS A 53 8.81 -6.85 13.67
C CYS A 53 8.12 -7.38 12.39
N PRO A 54 8.82 -7.32 11.27
CA PRO A 54 8.25 -7.90 10.04
C PRO A 54 8.14 -9.40 10.08
N ASP A 55 7.23 -9.91 9.26
CA ASP A 55 7.09 -11.36 9.12
C ASP A 55 8.29 -12.03 8.42
N ALA A 56 8.92 -11.26 7.56
CA ALA A 56 10.00 -11.73 6.68
C ALA A 56 10.74 -10.52 6.13
N SER A 57 11.97 -10.72 5.69
CA SER A 57 12.60 -9.73 4.84
C SER A 57 11.87 -9.67 3.47
N LEU A 58 11.99 -8.53 2.83
CA LEU A 58 11.52 -8.38 1.48
C LEU A 58 12.18 -9.36 0.54
N GLU A 59 13.49 -9.55 0.70
CA GLU A 59 14.25 -10.52 -0.09
C GLU A 59 13.60 -11.87 -0.06
N ASP A 60 13.24 -12.33 1.13
CA ASP A 60 12.62 -13.65 1.23
C ASP A 60 11.16 -13.63 0.78
N ALA A 61 10.42 -12.55 1.10
CA ALA A 61 9.01 -12.52 0.71
C ALA A 61 8.83 -12.53 -0.82
N LYS A 62 9.78 -11.87 -1.52
CA LYS A 62 9.78 -11.81 -2.99
C LYS A 62 9.79 -13.22 -3.56
N LYS A 63 10.49 -14.13 -2.88
CA LYS A 63 10.62 -15.51 -3.36
C LYS A 63 9.30 -16.28 -3.30
N GLU A 64 8.38 -15.81 -2.44
CA GLU A 64 7.09 -16.46 -2.28
C GLU A 64 6.00 -15.78 -3.10
N GLY A 65 6.34 -14.81 -3.92
CA GLY A 65 5.34 -14.16 -4.76
C GLY A 65 4.97 -15.00 -5.97
N PRO A 66 4.13 -14.43 -6.85
CA PRO A 66 3.57 -13.06 -6.72
C PRO A 66 2.36 -13.03 -5.77
N TYR A 67 1.93 -11.81 -5.51
CA TYR A 67 0.84 -11.51 -4.59
C TYR A 67 -0.36 -10.89 -5.28
N ASP A 68 -1.54 -11.05 -4.69
CA ASP A 68 -2.74 -10.43 -5.24
C ASP A 68 -2.77 -8.93 -5.06
N VAL A 69 -2.04 -8.43 -4.06
CA VAL A 69 -1.87 -6.98 -3.87
C VAL A 69 -0.53 -6.68 -3.29
N VAL A 70 0.10 -5.60 -3.79
CA VAL A 70 1.32 -5.06 -3.17
C VAL A 70 0.91 -3.72 -2.56
N VAL A 71 1.15 -3.59 -1.26
CA VAL A 71 0.72 -2.39 -0.47
C VAL A 71 1.90 -1.57 -0.02
N LEU A 72 1.84 -0.28 -0.35
CA LEU A 72 2.87 0.69 0.03
C LEU A 72 2.24 1.67 1.08
N PRO A 73 2.54 1.46 2.36
CA PRO A 73 2.22 2.50 3.34
C PRO A 73 2.87 3.82 2.98
N GLY A 74 2.40 4.90 3.64
CA GLY A 74 3.03 6.19 3.59
C GLY A 74 3.95 6.43 4.78
N GLY A 75 3.94 7.69 5.22
CA GLY A 75 5.02 8.27 6.03
C GLY A 75 6.04 8.81 5.06
N ASN A 76 6.39 10.09 5.14
CA ASN A 76 7.26 10.66 4.09
C ASN A 76 8.58 9.90 3.99
N LEU A 77 9.20 9.57 5.11
CA LEU A 77 10.53 8.97 5.05
C LEU A 77 10.43 7.51 4.64
N GLY A 78 9.34 6.83 5.05
CA GLY A 78 9.09 5.49 4.55
C GLY A 78 8.91 5.45 3.05
N ALA A 79 8.13 6.40 2.53
CA ALA A 79 7.87 6.47 1.08
C ALA A 79 9.15 6.78 0.33
N GLN A 80 9.99 7.63 0.93
CA GLN A 80 11.29 7.96 0.30
C GLN A 80 12.18 6.69 0.23
N ASN A 81 12.19 5.90 1.29
CA ASN A 81 12.96 4.66 1.30
C ASN A 81 12.41 3.70 0.23
N LEU A 82 11.07 3.61 0.13
CA LEU A 82 10.48 2.77 -0.92
C LEU A 82 10.88 3.24 -2.32
N SER A 83 10.85 4.55 -2.51
CA SER A 83 11.19 5.20 -3.79
C SER A 83 12.61 4.97 -4.23
N GLU A 84 13.51 4.75 -3.28
CA GLU A 84 14.94 4.62 -3.58
C GLU A 84 15.34 3.16 -3.82
N SER A 85 14.41 2.24 -3.56
CA SER A 85 14.71 0.81 -3.57
C SER A 85 14.54 0.13 -4.95
N ALA A 86 15.65 -0.43 -5.46
CA ALA A 86 15.60 -1.22 -6.68
C ALA A 86 14.77 -2.48 -6.50
N ALA A 87 14.77 -3.07 -5.29
CA ALA A 87 13.94 -4.25 -5.04
C ALA A 87 12.45 -3.89 -5.16
N VAL A 88 12.06 -2.74 -4.62
CA VAL A 88 10.67 -2.30 -4.76
C VAL A 88 10.34 -2.07 -6.23
N LYS A 89 11.25 -1.41 -6.95
CA LYS A 89 11.02 -1.20 -8.39
C LYS A 89 10.68 -2.53 -9.10
N GLU A 90 11.50 -3.54 -8.83
CA GLU A 90 11.34 -4.85 -9.46
C GLU A 90 9.97 -5.49 -9.13
N ILE A 91 9.60 -5.42 -7.85
CA ILE A 91 8.34 -5.97 -7.40
C ILE A 91 7.14 -5.26 -8.05
N LEU A 92 7.20 -3.93 -8.10
CA LEU A 92 6.10 -3.22 -8.65
C LEU A 92 5.98 -3.42 -10.17
N LYS A 93 7.12 -3.42 -10.85
CA LYS A 93 7.10 -3.68 -12.32
C LYS A 93 6.49 -5.02 -12.62
N GLU A 94 6.90 -6.02 -11.86
CA GLU A 94 6.35 -7.37 -12.02
C GLU A 94 4.84 -7.37 -11.77
N GLN A 95 4.41 -6.72 -10.68
CA GLN A 95 3.00 -6.69 -10.39
C GLN A 95 2.20 -5.96 -11.49
N GLU A 96 2.75 -4.84 -11.98
CA GLU A 96 2.12 -4.14 -13.05
C GLU A 96 2.03 -5.04 -14.34
N ASN A 97 3.13 -5.72 -14.65
CA ASN A 97 3.22 -6.56 -15.87
C ASN A 97 2.13 -7.65 -15.84
N ARG A 98 1.89 -8.20 -14.64
CA ARG A 98 0.87 -9.23 -14.46
C ARG A 98 -0.54 -8.74 -14.20
N LYS A 99 -0.74 -7.41 -14.25
CA LYS A 99 -2.08 -6.80 -14.10
C LYS A 99 -2.63 -7.07 -12.67
N GLY A 100 -1.73 -7.07 -11.70
CA GLY A 100 -2.16 -7.20 -10.32
C GLY A 100 -2.33 -5.86 -9.62
N LEU A 101 -3.10 -5.90 -8.56
CA LEU A 101 -3.41 -4.71 -7.76
C LEU A 101 -2.20 -4.14 -7.05
N ILE A 102 -2.07 -2.81 -7.15
CA ILE A 102 -1.05 -2.06 -6.43
C ILE A 102 -1.77 -0.99 -5.64
N ALA A 103 -1.48 -0.92 -4.33
CA ALA A 103 -2.20 -0.02 -3.41
C ALA A 103 -1.20 0.83 -2.65
N ALA A 104 -1.46 2.14 -2.53
CA ALA A 104 -0.53 3.01 -1.86
C ALA A 104 -1.27 4.17 -1.22
N ILE A 105 -0.78 4.60 -0.06
CA ILE A 105 -1.48 5.61 0.76
C ILE A 105 -0.56 6.71 1.26
N CYS A 106 -1.14 7.92 1.29
CA CYS A 106 -0.55 9.13 1.86
C CYS A 106 0.57 9.63 0.95
N ALA A 107 1.84 9.53 1.33
CA ALA A 107 2.99 9.78 0.43
C ALA A 107 3.40 8.50 -0.33
N GLY A 108 2.88 7.34 0.10
CA GLY A 108 3.19 6.09 -0.59
C GLY A 108 3.11 6.14 -2.12
N PRO A 109 2.08 6.82 -2.67
CA PRO A 109 1.97 6.84 -4.15
C PRO A 109 3.16 7.48 -4.84
N THR A 110 3.90 8.33 -4.15
CA THR A 110 5.09 8.95 -4.77
C THR A 110 6.15 7.89 -5.16
N ALA A 111 6.14 6.73 -4.49
CA ALA A 111 7.01 5.65 -4.94
C ALA A 111 6.61 5.09 -6.30
N LEU A 112 5.32 5.15 -6.63
CA LEU A 112 4.88 4.78 -7.95
C LEU A 112 5.50 5.72 -8.98
N LEU A 113 5.52 7.03 -8.71
CA LEU A 113 6.18 7.94 -9.61
C LEU A 113 7.65 7.62 -9.76
N ALA A 114 8.33 7.40 -8.65
CA ALA A 114 9.75 7.13 -8.66
C ALA A 114 10.11 5.93 -9.55
N HIS A 115 9.25 4.93 -9.52
CA HIS A 115 9.49 3.67 -10.21
C HIS A 115 8.75 3.60 -11.55
N GLU A 116 8.15 4.72 -11.98
CA GLU A 116 7.46 4.80 -13.27
C GLU A 116 6.35 3.78 -13.42
N ILE A 117 5.54 3.68 -12.38
CA ILE A 117 4.48 2.68 -12.31
C ILE A 117 3.14 3.36 -12.53
N GLY A 118 2.31 2.81 -13.43
CA GLY A 118 0.93 3.23 -13.53
C GLY A 118 0.69 4.62 -14.13
N PHE A 119 1.66 5.12 -14.90
CA PHE A 119 1.47 6.43 -15.53
C PHE A 119 0.15 6.49 -16.29
N GLY A 120 -0.55 7.62 -16.19
CA GLY A 120 -1.84 7.85 -16.79
C GLY A 120 -3.00 7.57 -15.89
N SER A 121 -2.72 6.92 -14.74
CA SER A 121 -3.78 6.60 -13.82
C SER A 121 -4.24 7.87 -13.06
N LYS A 122 -5.51 7.87 -12.68
CA LYS A 122 -6.04 8.80 -11.75
C LYS A 122 -5.61 8.34 -10.34
N VAL A 123 -5.06 9.26 -9.54
CA VAL A 123 -4.53 8.94 -8.22
C VAL A 123 -4.87 10.03 -7.24
N THR A 124 -4.90 9.66 -5.97
CA THR A 124 -4.88 10.64 -4.88
C THR A 124 -3.62 10.38 -4.03
N THR A 125 -3.33 11.36 -3.17
CA THR A 125 -2.24 11.31 -2.20
C THR A 125 -2.67 12.16 -1.01
N HIS A 126 -1.82 12.21 -0.01
CA HIS A 126 -1.99 13.23 1.00
C HIS A 126 -1.93 14.60 0.30
N PRO A 127 -2.70 15.60 0.78
CA PRO A 127 -2.55 16.93 0.17
C PRO A 127 -1.10 17.44 0.08
N LEU A 128 -0.29 17.17 1.13
CA LEU A 128 1.10 17.63 1.14
C LEU A 128 2.03 16.90 0.21
N ALA A 129 1.57 15.80 -0.37
CA ALA A 129 2.33 15.00 -1.33
C ALA A 129 1.89 15.21 -2.77
N LYS A 130 0.88 16.06 -2.98
CA LYS A 130 0.36 16.26 -4.31
CA LYS A 130 0.33 16.30 -4.31
C LYS A 130 1.40 16.79 -5.29
N ASP A 131 2.11 17.85 -4.91
CA ASP A 131 3.02 18.46 -5.86
C ASP A 131 4.13 17.48 -6.28
N LYS A 132 4.63 16.69 -5.33
CA LYS A 132 5.64 15.66 -5.66
C LYS A 132 5.04 14.67 -6.66
N MET A 133 3.86 14.14 -6.33
CA MET A 133 3.25 13.13 -7.19
C MET A 133 2.97 13.63 -8.61
N MET A 134 2.63 14.91 -8.72
CA MET A 134 2.22 15.52 -9.97
C MET A 134 3.35 16.10 -10.79
N ASN A 135 4.60 15.96 -10.34
CA ASN A 135 5.76 16.48 -11.08
C ASN A 135 5.85 15.78 -12.42
N GLY A 136 5.62 16.55 -13.49
CA GLY A 136 5.61 16.00 -14.84
C GLY A 136 4.23 15.75 -15.39
N GLY A 137 3.21 15.81 -14.55
CA GLY A 137 1.84 15.57 -14.98
C GLY A 137 1.63 14.15 -15.50
N HIS A 138 2.29 13.18 -14.84
CA HIS A 138 2.22 11.79 -15.30
C HIS A 138 0.97 11.02 -14.84
N TYR A 139 0.24 11.59 -13.88
CA TYR A 139 -0.98 11.05 -13.36
C TYR A 139 -2.01 12.15 -13.40
N THR A 140 -3.27 11.78 -13.24
CA THR A 140 -4.35 12.70 -13.08
C THR A 140 -4.76 12.76 -11.62
N TYR A 141 -4.78 13.95 -11.03
CA TYR A 141 -4.97 14.05 -9.57
C TYR A 141 -6.45 14.03 -9.18
N SER A 142 -6.71 13.40 -8.02
CA SER A 142 -8.02 13.24 -7.46
C SER A 142 -7.99 13.64 -5.99
N GLU A 143 -9.08 14.21 -5.50
CA GLU A 143 -9.27 14.54 -4.09
C GLU A 143 -10.19 13.51 -3.39
N ASN A 144 -10.54 12.42 -4.09
CA ASN A 144 -11.31 11.37 -3.44
C ASN A 144 -10.51 10.72 -2.33
N ARG A 145 -11.21 10.30 -1.28
CA ARG A 145 -10.55 9.73 -0.11
C ARG A 145 -9.84 8.43 -0.45
N VAL A 146 -10.47 7.66 -1.34
CA VAL A 146 -9.87 6.50 -1.98
C VAL A 146 -10.13 6.66 -3.49
N GLU A 147 -9.12 6.36 -4.29
CA GLU A 147 -9.23 6.41 -5.74
C GLU A 147 -8.74 5.08 -6.31
N LYS A 148 -9.35 4.68 -7.41
CA LYS A 148 -8.94 3.46 -8.09
CA LYS A 148 -8.96 3.45 -8.11
C LYS A 148 -9.06 3.66 -9.60
N ASP A 149 -7.97 3.42 -10.30
CA ASP A 149 -7.95 3.51 -11.75
C ASP A 149 -6.92 2.51 -12.32
N GLY A 150 -7.25 1.82 -13.42
CA GLY A 150 -6.44 0.70 -13.91
C GLY A 150 -6.06 -0.24 -12.74
N LEU A 151 -4.76 -0.38 -12.56
CA LEU A 151 -4.25 -1.31 -11.53
C LEU A 151 -4.09 -0.67 -10.14
N ILE A 152 -4.34 0.63 -10.06
CA ILE A 152 -3.73 1.48 -9.03
C ILE A 152 -4.80 2.02 -8.09
N LEU A 153 -4.66 1.63 -6.82
CA LEU A 153 -5.58 2.02 -5.75
CA LEU A 153 -5.59 2.03 -5.76
C LEU A 153 -4.81 2.92 -4.78
N THR A 154 -5.29 4.16 -4.61
CA THR A 154 -4.60 5.11 -3.77
C THR A 154 -5.50 5.72 -2.74
N SER A 155 -4.88 6.30 -1.70
CA SER A 155 -5.66 6.94 -0.65
C SER A 155 -4.82 8.00 0.04
N ARG A 156 -5.45 8.79 0.91
CA ARG A 156 -4.89 10.10 1.31
C ARG A 156 -4.06 10.16 2.60
N GLY A 157 -4.46 9.44 3.64
CA GLY A 157 -3.82 9.67 4.96
C GLY A 157 -4.20 8.67 6.02
N PRO A 158 -3.68 8.88 7.25
CA PRO A 158 -4.03 7.95 8.32
C PRO A 158 -5.54 7.80 8.47
N GLY A 159 -6.25 8.93 8.40
CA GLY A 159 -7.69 8.98 8.51
C GLY A 159 -8.52 8.37 7.41
N THR A 160 -7.85 7.97 6.30
CA THR A 160 -8.53 7.24 5.23
C THR A 160 -8.10 5.78 5.21
N SER A 161 -7.28 5.33 6.18
CA SER A 161 -6.71 4.01 6.16
C SER A 161 -7.74 2.88 6.22
N PHE A 162 -8.81 3.08 6.99
CA PHE A 162 -9.86 2.03 7.02
C PHE A 162 -10.52 1.92 5.65
N GLU A 163 -10.86 3.07 5.05
CA GLU A 163 -11.49 3.08 3.75
C GLU A 163 -10.58 2.44 2.69
N PHE A 164 -9.29 2.75 2.75
CA PHE A 164 -8.29 2.17 1.87
C PHE A 164 -8.23 0.67 2.04
N ALA A 165 -8.15 0.22 3.29
CA ALA A 165 -8.07 -1.21 3.56
C ALA A 165 -9.31 -1.96 3.09
N LEU A 166 -10.47 -1.38 3.30
CA LEU A 166 -11.70 -2.03 2.92
C LEU A 166 -11.85 -2.05 1.41
N ALA A 167 -11.32 -1.01 0.71
CA ALA A 167 -11.28 -1.07 -0.73
C ALA A 167 -10.44 -2.22 -1.24
N ILE A 168 -9.31 -2.46 -0.59
CA ILE A 168 -8.46 -3.59 -0.96
C ILE A 168 -9.23 -4.90 -0.73
N VAL A 169 -9.89 -5.01 0.42
CA VAL A 169 -10.68 -6.19 0.72
C VAL A 169 -11.78 -6.40 -0.35
N GLU A 170 -12.48 -5.33 -0.72
CA GLU A 170 -13.49 -5.46 -1.73
C GLU A 170 -12.90 -5.95 -3.06
N ALA A 171 -11.77 -5.39 -3.46
CA ALA A 171 -11.14 -5.76 -4.73
C ALA A 171 -10.73 -7.28 -4.75
N LEU A 172 -10.21 -7.78 -3.64
CA LEU A 172 -9.76 -9.15 -3.52
C LEU A 172 -10.85 -10.17 -3.21
N ASN A 173 -11.74 -9.85 -2.27
CA ASN A 173 -12.68 -10.79 -1.70
C ASN A 173 -14.14 -10.45 -1.90
N GLY A 174 -14.41 -9.30 -2.52
CA GLY A 174 -15.75 -8.85 -2.79
C GLY A 174 -16.45 -7.96 -1.79
N LYS A 175 -17.53 -7.34 -2.24
CA LYS A 175 -18.25 -6.35 -1.48
C LYS A 175 -18.84 -6.92 -0.21
N GLU A 176 -19.32 -8.17 -0.27
CA GLU A 176 -20.01 -8.77 0.89
C GLU A 176 -19.02 -9.02 2.03
N VAL A 177 -17.84 -9.55 1.72
CA VAL A 177 -16.81 -9.75 2.75
C VAL A 177 -16.38 -8.39 3.34
N ALA A 178 -16.18 -7.38 2.48
CA ALA A 178 -15.81 -6.07 2.99
C ALA A 178 -16.86 -5.55 4.00
N ALA A 179 -18.14 -5.67 3.66
CA ALA A 179 -19.19 -5.22 4.53
C ALA A 179 -19.22 -6.01 5.86
N GLN A 180 -18.98 -7.31 5.78
CA GLN A 180 -18.96 -8.15 6.98
C GLN A 180 -17.78 -7.78 7.89
N VAL A 181 -16.63 -7.50 7.29
CA VAL A 181 -15.46 -7.09 8.06
C VAL A 181 -15.66 -5.70 8.67
N LYS A 182 -16.30 -4.82 7.91
CA LYS A 182 -16.53 -3.45 8.36
C LYS A 182 -17.38 -3.33 9.63
N ALA A 183 -18.47 -4.10 9.70
CA ALA A 183 -19.47 -3.88 10.73
C ALA A 183 -18.92 -3.91 12.17
N PRO A 184 -18.10 -4.91 12.50
CA PRO A 184 -17.61 -4.97 13.88
C PRO A 184 -16.59 -3.90 14.24
N LEU A 185 -16.11 -3.13 13.24
CA LEU A 185 -15.09 -2.12 13.52
C LEU A 185 -15.62 -0.87 14.22
N VAL A 186 -16.94 -0.64 14.13
CA VAL A 186 -17.55 0.57 14.68
C VAL A 186 -17.02 1.82 13.97
N LEU A 187 -16.99 1.75 12.66
CA LEU A 187 -16.68 2.94 11.87
C LEU A 187 -17.87 3.90 11.82
N LYS A 188 -17.62 5.15 11.50
CA LYS A 188 -18.68 6.14 11.28
C LYS A 188 -19.34 5.74 9.96
C10 72S B . 3.34 15.00 5.30
C5 72S B . 2.28 14.10 5.82
C4 72S B . 1.38 14.59 6.74
C3 72S B . 0.38 13.79 7.30
C2 72S B . 0.26 12.48 6.88
C1 72S B . 1.15 12.01 5.97
C6 72S B . 2.14 12.79 5.45
N7 72S B . 2.91 12.05 4.60
C8 72S B . 2.51 10.81 4.59
O11 72S B . 2.99 9.87 3.97
C9 72S B . 1.32 10.71 5.38
O12 72S B . 1.30 9.62 6.26
C10 72S C . -7.84 -7.78 -9.40
C5 72S C . -7.55 -6.39 -9.61
C4 72S C . -6.35 -6.07 -10.25
C3 72S C . -6.04 -4.75 -10.49
C2 72S C . -6.96 -3.78 -10.04
C1 72S C . -8.12 -4.09 -9.43
C6 72S C . -8.41 -5.40 -9.23
N7 72S C . -9.59 -5.47 -8.64
C8 72S C . -10.11 -4.26 -8.49
O11 72S C . -11.23 -4.05 -8.01
C9 72S C . -9.21 -3.27 -8.91
CL CL D . 5.25 11.75 7.44
#